data_9CER
#
_entry.id   9CER
#
loop_
_entity.id
_entity.type
_entity.pdbx_description
1 polymer 'Maltose/maltodextrin-binding periplasmic protein,Guillardia theta Fanzor1'
2 polymer 'RNA (142-MER)'
3 non-polymer 'ZINC ION'
#
loop_
_entity_poly.entity_id
_entity_poly.type
_entity_poly.pdbx_seq_one_letter_code
_entity_poly.pdbx_strand_id
1 'polypeptide(L)'
;MKSSHHHHHHHHHHGSSMKIEEGKLVIWINGDKGYNGLAEVGKKFEKDTGIKVTVEHPDKLEEKFPQVAATGDGPDIIFW
AHDRFGGYAQSGLLAEITPDKAFQDKLYPFTWDAVRYNGKLIAYPIAVEALSLIYNKDLLPNPPKTWEEIPALDKELKAK
GKSALMFNLQEPYFTWPLIAADGGYAFKYENGKYDIKDVGVDNAGAKAGLTFLVDLIKNKHMNADTDYSIAEAAFNKGET
AMTINGPWAWSNIDTSKVNYGVTVLPTFKGQPSKPFVGVLSAGINAASPNKELAKEFLENYLLTDEGLEAVNKDKPLGAV
ALKSYEEELAKDPRIAATMENAQKGEIMPNIPQMSAFWYAVRTAVINAASGRQTVDEALKDAQTNSSSNNNNNNNNNNLG
IEENLYFQSNASNIRIVKRKAKGFFKCEDLVTIKDAVKAAHRIMSDASILVRSYYLRWFQSSYPLDSDDKELELEHFHIS
MACSIVQGITRPPVRGVGPEQSVKIDVFNDMLDEYKRLYERAPNDKENETDLSLSHVLAYSIDNLLTAYKNNIEAHFSKY
VKRFIRCDMLAKGFNKSEANRVAAIYTNAYIYDSSLDLEPDFMERLGLEATSYSSLFPSKINKGGFPRVYDLKANPWVYL
PKMVMINQALETDFSSVEHKERRLLNPLPFYSSFVPMHIRIDTSGLSQLLMTKDRLDDFKRSYLAEFGVSLNIKNKGDML
ASFEKIFGRKATSNREAGLYATEMWSFLTNLKTCRQWKELDGVVRKNDPKGTQWMFDNAVVTDGVSISFQVIDNSMFGRK
AFSGRKKRVACQEANDEEDSKQVTREELKTSKLLGCDPGKRDILAITDGIKTICYTKGQRDMDTHKTIRLRTSLKRRRGC
GLEEYETQVMNRFQKRSCHPEMFRRYACSRKRMEHMLLECYSHPVFREFKFLVYNKTKSSEHRFMHRVLETFKRPQTNLS
KARCASGVMRMNALKEVQRHGDIIIGWGNWGKNPNALRCSAGPTPGIGIRRRFESLFKTTTVPEHYTSQECPSCKGRCLR
KATGNPIMRHHLLRCTNDSCCSRWWNRNVAGAFNILTRLLDGQTLSGNETTGDGLGGDDL
;
P
2 'polyribonucleotide'
;CACUAUCCGGUAACGAAACUACCGGAGACGGGUUAGGAGGUGACGACCUCUAAAACCUAGAACUUAGAGUGCAAAAACGC
CAUUACGAUUGUGAUGCCUAUUCAAGGGUGUCCCAAGUGUAAAAAGAAAGCACUCUAAGAGCAUUAAACUCUACU
;
W
#
# COMPACT_ATOMS: atom_id res chain seq x y z
N SER A 412 -7.87 9.14 -18.89
CA SER A 412 -6.65 8.93 -19.73
C SER A 412 -5.99 7.59 -19.40
N ASN A 413 -5.01 7.20 -20.21
CA ASN A 413 -4.29 5.95 -20.04
C ASN A 413 -2.89 6.23 -19.53
N ILE A 414 -2.53 5.61 -18.41
CA ILE A 414 -1.23 5.78 -17.78
C ILE A 414 -0.69 4.41 -17.39
N ARG A 415 0.58 4.17 -17.70
CA ARG A 415 1.24 2.92 -17.36
C ARG A 415 2.63 3.22 -16.84
N ILE A 416 3.16 2.29 -16.06
CA ILE A 416 4.46 2.44 -15.40
C ILE A 416 5.36 1.29 -15.79
N VAL A 417 6.66 1.57 -15.87
CA VAL A 417 7.68 0.56 -16.13
C VAL A 417 8.74 0.69 -15.04
N LYS A 418 9.10 -0.44 -14.43
CA LYS A 418 10.05 -0.47 -13.33
C LYS A 418 11.34 -1.16 -13.78
N ARG A 419 12.46 -0.47 -13.62
CA ARG A 419 13.75 -1.01 -13.99
C ARG A 419 14.79 -0.47 -13.02
N LYS A 420 16.00 -1.03 -13.10
CA LYS A 420 17.09 -0.58 -12.26
C LYS A 420 17.58 0.81 -12.69
N ALA A 421 18.05 1.58 -11.72
CA ALA A 421 18.46 2.96 -11.95
C ALA A 421 19.90 3.09 -12.40
N LYS A 422 20.65 1.99 -12.45
CA LYS A 422 22.05 2.06 -12.86
C LYS A 422 22.18 2.61 -14.27
N GLY A 423 23.05 3.61 -14.44
CA GLY A 423 23.35 4.16 -15.74
C GLY A 423 22.42 5.27 -16.19
N PHE A 424 21.26 5.43 -15.55
CA PHE A 424 20.32 6.47 -15.96
C PHE A 424 20.88 7.86 -15.69
N PHE A 425 21.47 8.07 -14.52
CA PHE A 425 22.01 9.37 -14.14
C PHE A 425 23.49 9.44 -14.50
N LYS A 426 23.96 10.65 -14.78
CA LYS A 426 25.35 10.86 -15.10
C LYS A 426 26.22 10.59 -13.87
N CYS A 427 27.47 10.19 -14.13
CA CYS A 427 28.34 9.80 -13.03
C CYS A 427 28.59 10.96 -12.07
N GLU A 428 28.84 12.16 -12.61
CA GLU A 428 29.11 13.30 -11.75
C GLU A 428 27.88 13.70 -10.94
N ASP A 429 26.69 13.54 -11.50
CA ASP A 429 25.45 13.93 -10.82
C ASP A 429 24.88 12.81 -9.95
N LEU A 430 25.48 11.62 -9.96
CA LEU A 430 24.94 10.52 -9.16
C LEU A 430 25.04 10.82 -7.67
N VAL A 431 26.12 11.46 -7.24
CA VAL A 431 26.32 11.72 -5.81
C VAL A 431 25.19 12.58 -5.27
N THR A 432 24.82 13.64 -6.00
CA THR A 432 23.77 14.54 -5.52
C THR A 432 22.46 13.80 -5.35
N ILE A 433 22.11 12.93 -6.30
CA ILE A 433 20.83 12.21 -6.22
C ILE A 433 20.81 11.32 -4.99
N LYS A 434 21.90 10.62 -4.72
CA LYS A 434 21.93 9.70 -3.57
C LYS A 434 21.72 10.46 -2.27
N ASP A 435 22.40 11.61 -2.11
CA ASP A 435 22.27 12.37 -0.87
C ASP A 435 20.88 12.97 -0.72
N ALA A 436 20.21 13.27 -1.84
CA ALA A 436 18.89 13.88 -1.77
C ALA A 436 17.89 12.94 -1.10
N VAL A 437 17.99 11.64 -1.38
CA VAL A 437 17.03 10.68 -0.81
C VAL A 437 17.14 10.67 0.70
N LYS A 438 18.37 10.69 1.23
CA LYS A 438 18.55 10.62 2.67
C LYS A 438 17.86 11.78 3.37
N ALA A 439 18.02 12.99 2.84
CA ALA A 439 17.40 14.16 3.47
C ALA A 439 15.87 14.05 3.45
N ALA A 440 15.31 13.57 2.33
CA ALA A 440 13.86 13.48 2.21
C ALA A 440 13.27 12.55 3.26
N HIS A 441 13.89 11.38 3.48
CA HIS A 441 13.37 10.43 4.45
C HIS A 441 13.46 10.99 5.87
N ARG A 442 14.57 11.63 6.23
CA ARG A 442 14.73 12.13 7.59
C ARG A 442 13.70 13.21 7.90
N ILE A 443 13.50 14.16 6.97
CA ILE A 443 12.55 15.23 7.20
C ILE A 443 11.14 14.69 7.30
N MET A 444 10.76 13.81 6.36
CA MET A 444 9.40 13.27 6.38
C MET A 444 9.16 12.42 7.63
N SER A 445 10.14 11.59 8.00
CA SER A 445 9.96 10.73 9.17
C SER A 445 9.78 11.56 10.44
N ASP A 446 10.63 12.59 10.61
CA ASP A 446 10.50 13.45 11.78
C ASP A 446 9.21 14.26 11.73
N ALA A 447 8.84 14.74 10.55
CA ALA A 447 7.62 15.54 10.43
C ALA A 447 6.38 14.74 10.80
N SER A 448 6.33 13.47 10.37
CA SER A 448 5.17 12.64 10.66
C SER A 448 4.97 12.48 12.16
N ILE A 449 6.06 12.26 12.91
CA ILE A 449 5.95 12.11 14.36
C ILE A 449 5.41 13.39 14.98
N LEU A 450 5.93 14.53 14.54
CA LEU A 450 5.48 15.81 15.11
C LEU A 450 3.99 16.03 14.84
N VAL A 451 3.55 15.73 13.61
CA VAL A 451 2.14 15.90 13.27
C VAL A 451 1.29 14.95 14.10
N ARG A 452 1.74 13.69 14.24
CA ARG A 452 0.98 12.72 15.02
C ARG A 452 0.83 13.17 16.47
N SER A 453 1.92 13.68 17.06
CA SER A 453 1.86 14.11 18.46
C SER A 453 0.89 15.28 18.63
N TYR A 454 0.90 16.22 17.68
CA TYR A 454 0.05 17.40 17.81
C TYR A 454 -1.42 17.01 17.81
N TYR A 455 -1.82 16.08 16.93
CA TYR A 455 -3.22 15.68 16.85
C TYR A 455 -3.67 15.01 18.14
N LEU A 456 -2.79 14.22 18.76
CA LEU A 456 -3.16 13.55 20.01
C LEU A 456 -3.50 14.56 21.09
N ARG A 457 -2.74 15.66 21.18
CA ARG A 457 -3.04 16.69 22.16
C ARG A 457 -4.42 17.29 21.94
N TRP A 458 -4.80 17.48 20.67
CA TRP A 458 -6.12 18.02 20.37
C TRP A 458 -7.23 17.11 20.90
N PHE A 459 -6.98 15.81 20.99
CA PHE A 459 -7.99 14.89 21.51
C PHE A 459 -8.35 15.23 22.94
N GLN A 460 -7.34 15.52 23.78
CA GLN A 460 -7.59 15.90 25.16
C GLN A 460 -8.16 17.31 25.28
N SER A 461 -8.04 18.11 24.23
CA SER A 461 -8.53 19.49 24.29
C SER A 461 -10.04 19.53 24.52
N SER A 462 -10.78 18.67 23.83
CA SER A 462 -12.24 18.66 23.96
C SER A 462 -12.75 17.28 23.57
N TYR A 463 -13.28 16.55 24.54
CA TYR A 463 -13.93 15.26 24.28
C TYR A 463 -14.91 14.97 25.42
N PRO A 464 -16.20 14.77 25.13
CA PRO A 464 -16.86 14.71 23.81
C PRO A 464 -16.83 16.03 23.06
N LEU A 465 -16.94 15.98 21.74
CA LEU A 465 -16.80 17.17 20.91
C LEU A 465 -17.92 18.17 21.20
N ASP A 466 -17.57 19.46 21.14
CA ASP A 466 -18.55 20.51 21.31
C ASP A 466 -19.44 20.61 20.08
N SER A 467 -20.65 21.13 20.29
CA SER A 467 -21.63 21.26 19.23
C SER A 467 -21.48 22.55 18.43
N ASP A 468 -20.61 23.46 18.86
CA ASP A 468 -20.44 24.75 18.19
C ASP A 468 -19.12 24.83 17.42
N ASP A 469 -18.41 23.70 17.26
CA ASP A 469 -17.14 23.70 16.56
C ASP A 469 -17.05 22.45 15.70
N LYS A 470 -16.27 22.54 14.62
CA LYS A 470 -16.07 21.43 13.70
C LYS A 470 -14.83 20.63 14.10
N GLU A 471 -14.81 19.37 13.68
CA GLU A 471 -13.69 18.49 13.99
C GLU A 471 -12.42 18.99 13.31
N LEU A 472 -11.28 18.73 13.96
CA LEU A 472 -10.00 19.15 13.42
C LEU A 472 -9.67 18.34 12.17
N GLU A 473 -9.52 19.04 11.04
CA GLU A 473 -9.15 18.42 9.78
C GLU A 473 -7.79 18.95 9.35
N LEU A 474 -6.86 18.04 9.07
CA LEU A 474 -5.52 18.42 8.67
C LEU A 474 -5.52 18.94 7.25
N GLU A 475 -5.00 20.16 7.06
CA GLU A 475 -4.91 20.77 5.75
C GLU A 475 -3.51 20.57 5.16
N HIS A 476 -3.36 20.97 3.90
CA HIS A 476 -2.09 20.77 3.21
C HIS A 476 -0.96 21.54 3.89
N PHE A 477 -1.23 22.78 4.32
CA PHE A 477 -0.18 23.61 4.89
C PHE A 477 0.25 23.12 6.28
N HIS A 478 -0.56 22.29 6.94
CA HIS A 478 -0.16 21.78 8.24
C HIS A 478 1.14 21.00 8.16
N ILE A 479 1.24 20.09 7.19
CA ILE A 479 2.47 19.31 7.02
C ILE A 479 3.60 20.21 6.52
N SER A 480 3.28 21.17 5.65
CA SER A 480 4.31 22.06 5.14
C SER A 480 4.96 22.85 6.26
N MET A 481 4.16 23.35 7.20
CA MET A 481 4.72 24.06 8.35
C MET A 481 5.57 23.13 9.20
N ALA A 482 5.14 21.87 9.35
CA ALA A 482 5.91 20.92 10.15
C ALA A 482 7.30 20.72 9.57
N CYS A 483 7.41 20.60 8.24
CA CYS A 483 8.72 20.46 7.62
C CYS A 483 9.58 21.69 7.88
N SER A 484 8.98 22.88 7.81
CA SER A 484 9.74 24.10 8.08
C SER A 484 10.27 24.11 9.52
N ILE A 485 9.44 23.68 10.47
CA ILE A 485 9.88 23.63 11.87
C ILE A 485 11.05 22.68 12.03
N VAL A 486 10.98 21.51 11.38
CA VAL A 486 12.06 20.54 11.48
C VAL A 486 13.36 21.13 10.96
N GLN A 487 13.30 21.84 9.83
CA GLN A 487 14.50 22.46 9.27
C GLN A 487 14.98 23.65 10.08
N GLY A 488 14.18 24.14 11.04
CA GLY A 488 14.59 25.22 11.89
C GLY A 488 14.04 26.58 11.53
N ILE A 489 13.02 26.67 10.67
CA ILE A 489 12.45 27.96 10.33
C ILE A 489 11.86 28.59 11.58
N THR A 490 12.15 29.88 11.77
CA THR A 490 11.80 30.58 13.00
C THR A 490 10.53 31.40 12.90
N ARG A 491 10.00 31.62 11.70
CA ARG A 491 8.81 32.42 11.52
C ARG A 491 7.81 31.71 10.62
N PRO A 492 6.51 32.02 10.75
CA PRO A 492 5.50 31.35 9.92
C PRO A 492 5.75 31.61 8.45
N PRO A 493 5.47 30.63 7.58
CA PRO A 493 5.59 30.87 6.14
C PRO A 493 4.38 31.56 5.52
N VAL A 494 3.36 31.90 6.32
CA VAL A 494 2.17 32.52 5.77
C VAL A 494 2.53 33.87 5.14
N ARG A 495 1.87 34.16 4.02
CA ARG A 495 2.09 35.39 3.27
C ARG A 495 0.82 36.23 3.31
N GLY A 496 0.96 37.51 3.69
CA GLY A 496 -0.16 38.41 3.76
C GLY A 496 -0.92 38.30 5.07
N VAL A 497 -1.87 39.22 5.25
CA VAL A 497 -2.70 39.28 6.44
C VAL A 497 -4.15 39.38 5.99
N GLY A 498 -5.01 38.56 6.60
CA GLY A 498 -6.43 38.58 6.30
C GLY A 498 -7.25 37.82 7.32
N PRO A 499 -8.57 38.02 7.31
CA PRO A 499 -9.41 37.31 8.28
C PRO A 499 -9.28 35.79 8.19
N GLU A 500 -9.10 35.25 6.99
CA GLU A 500 -8.99 33.80 6.84
C GLU A 500 -7.70 33.27 7.44
N GLN A 501 -6.63 34.06 7.43
CA GLN A 501 -5.34 33.64 7.95
C GLN A 501 -5.15 33.99 9.42
N SER A 502 -6.16 34.58 10.07
CA SER A 502 -6.00 34.96 11.47
C SER A 502 -5.71 33.75 12.35
N VAL A 503 -6.44 32.66 12.13
CA VAL A 503 -6.26 31.47 12.96
C VAL A 503 -5.05 30.67 12.51
N LYS A 504 -4.88 30.50 11.20
CA LYS A 504 -3.78 29.67 10.69
C LYS A 504 -2.43 30.25 11.06
N ILE A 505 -2.30 31.57 11.13
CA ILE A 505 -1.03 32.18 11.50
C ILE A 505 -0.64 31.78 12.92
N ASP A 506 -1.60 31.81 13.85
CA ASP A 506 -1.30 31.46 15.23
C ASP A 506 -1.04 29.97 15.39
N VAL A 507 -1.50 29.13 14.46
CA VAL A 507 -1.28 27.69 14.57
C VAL A 507 0.21 27.37 14.50
N PHE A 508 0.97 28.13 13.72
CA PHE A 508 2.41 27.88 13.63
C PHE A 508 3.07 27.96 14.99
N ASN A 509 2.69 28.95 15.80
CA ASN A 509 3.28 29.08 17.13
C ASN A 509 2.95 27.86 17.99
N ASP A 510 1.70 27.40 17.94
CA ASP A 510 1.31 26.24 18.74
C ASP A 510 2.09 25.00 18.34
N MET A 511 2.23 24.76 17.02
CA MET A 511 3.01 23.61 16.56
C MET A 511 4.47 23.76 16.93
N LEU A 512 5.02 24.98 16.83
CA LEU A 512 6.41 25.19 17.20
C LEU A 512 6.64 24.86 18.66
N ASP A 513 5.71 25.27 19.54
CA ASP A 513 5.83 24.93 20.95
C ASP A 513 5.77 23.42 21.16
N GLU A 514 4.90 22.73 20.41
CA GLU A 514 4.77 21.29 20.56
C GLU A 514 6.08 20.60 20.25
N TYR A 515 6.79 21.05 19.21
CA TYR A 515 8.09 20.47 18.89
C TYR A 515 9.06 20.58 20.06
N LYS A 516 9.03 21.71 20.77
CA LYS A 516 9.87 21.84 21.96
C LYS A 516 9.43 20.87 23.06
N ARG A 517 8.13 20.69 23.24
CA ARG A 517 7.63 19.82 24.30
C ARG A 517 7.96 18.35 24.02
N LEU A 518 7.97 17.95 22.75
CA LEU A 518 8.19 16.54 22.42
C LEU A 518 9.56 16.07 22.90
N TYR A 519 10.58 16.89 22.69
CA TYR A 519 11.95 16.55 23.07
C TYR A 519 12.33 17.21 24.39
N GLU A 520 13.19 16.53 25.15
CA GLU A 520 13.60 16.97 26.47
C GLU A 520 14.92 17.72 26.45
N ARG A 521 15.32 18.26 25.30
CA ARG A 521 16.56 19.00 25.18
C ARG A 521 16.36 20.18 24.24
N ALA A 522 17.26 21.15 24.33
CA ALA A 522 17.14 22.37 23.54
C ALA A 522 17.17 22.03 22.05
N PRO A 523 16.24 22.54 21.25
CA PRO A 523 16.27 22.25 19.81
C PRO A 523 17.56 22.73 19.17
N ASN A 524 18.02 21.99 18.16
CA ASN A 524 19.18 22.34 17.38
C ASN A 524 18.79 22.34 15.90
N ASP A 525 19.29 23.34 15.17
CA ASP A 525 18.89 23.56 13.78
C ASP A 525 19.71 22.72 12.81
N LYS A 526 21.04 22.70 12.97
CA LYS A 526 21.92 22.05 12.02
C LYS A 526 21.95 20.53 12.15
N GLU A 527 21.31 19.97 13.18
CA GLU A 527 21.23 18.52 13.28
C GLU A 527 20.36 17.89 12.20
N ASN A 528 19.56 18.70 11.49
CA ASN A 528 18.71 18.20 10.42
C ASN A 528 18.81 19.00 9.13
N GLU A 529 19.33 20.22 9.15
CA GLU A 529 19.42 21.02 7.94
C GLU A 529 20.43 20.43 6.95
N THR A 530 20.20 20.69 5.68
CA THR A 530 21.09 20.29 4.62
C THR A 530 21.32 21.47 3.68
N ASP A 531 22.54 21.55 3.13
CA ASP A 531 22.88 22.66 2.26
C ASP A 531 22.11 22.62 0.94
N LEU A 532 21.79 21.43 0.44
CA LEU A 532 21.07 21.30 -0.82
C LEU A 532 19.63 21.80 -0.68
N SER A 533 19.14 22.46 -1.73
CA SER A 533 17.78 22.98 -1.74
C SER A 533 16.85 21.89 -2.26
N LEU A 534 16.39 21.04 -1.33
CA LEU A 534 15.52 19.92 -1.64
C LEU A 534 14.07 20.19 -1.26
N SER A 535 13.68 21.47 -1.16
CA SER A 535 12.33 21.79 -0.73
C SER A 535 11.28 21.31 -1.73
N HIS A 536 11.55 21.46 -3.02
CA HIS A 536 10.55 21.12 -4.03
C HIS A 536 10.20 19.63 -4.00
N VAL A 537 11.20 18.78 -3.77
CA VAL A 537 10.96 17.33 -3.77
C VAL A 537 9.97 16.96 -2.68
N LEU A 538 10.05 17.64 -1.53
CA LEU A 538 9.18 17.31 -0.41
C LEU A 538 7.71 17.57 -0.73
N ALA A 539 7.41 18.34 -1.78
CA ALA A 539 6.03 18.69 -2.07
C ALA A 539 5.18 17.46 -2.35
N TYR A 540 5.71 16.52 -3.15
CA TYR A 540 4.94 15.33 -3.49
C TYR A 540 4.87 14.34 -2.33
N SER A 541 5.91 14.30 -1.50
CA SER A 541 5.89 13.38 -0.37
C SER A 541 4.76 13.71 0.59
N ILE A 542 4.42 14.99 0.74
CA ILE A 542 3.34 15.38 1.63
C ILE A 542 2.01 14.79 1.15
N ASP A 543 1.79 14.80 -0.17
CA ASP A 543 0.52 14.32 -0.69
C ASP A 543 0.29 12.86 -0.34
N ASN A 544 1.32 12.03 -0.43
CA ASN A 544 1.16 10.60 -0.14
C ASN A 544 0.72 10.39 1.30
N LEU A 545 1.33 11.12 2.24
CA LEU A 545 0.95 10.96 3.64
C LEU A 545 -0.49 11.40 3.86
N LEU A 546 -0.91 12.50 3.23
CA LEU A 546 -2.27 12.99 3.41
C LEU A 546 -3.29 11.97 2.92
N THR A 547 -3.03 11.36 1.76
CA THR A 547 -3.96 10.36 1.24
C THR A 547 -3.96 9.10 2.10
N ALA A 548 -2.87 8.83 2.81
CA ALA A 548 -2.80 7.62 3.63
C ALA A 548 -3.84 7.66 4.74
N TYR A 549 -4.06 8.83 5.35
CA TYR A 549 -5.02 8.92 6.45
C TYR A 549 -6.42 8.53 5.99
N LYS A 550 -6.84 9.03 4.82
CA LYS A 550 -8.18 8.71 4.34
C LYS A 550 -8.34 7.21 4.11
N ASN A 551 -7.34 6.57 3.49
CA ASN A 551 -7.44 5.14 3.21
C ASN A 551 -7.53 4.33 4.51
N ASN A 552 -6.69 4.67 5.49
CA ASN A 552 -6.70 3.92 6.75
C ASN A 552 -8.02 4.06 7.49
N ILE A 553 -8.56 5.28 7.53
CA ILE A 553 -9.78 5.52 8.29
C ILE A 553 -10.96 4.79 7.65
N GLU A 554 -11.13 4.94 6.34
CA GLU A 554 -12.29 4.36 5.67
C GLU A 554 -12.26 2.83 5.69
N ALA A 555 -11.09 2.25 5.42
CA ALA A 555 -11.02 0.79 5.25
C ALA A 555 -11.15 0.08 6.59
N HIS A 556 -10.46 0.55 7.62
CA HIS A 556 -10.36 -0.16 8.89
C HIS A 556 -11.37 0.31 9.93
N PHE A 557 -12.28 1.22 9.59
CA PHE A 557 -13.22 1.72 10.59
C PHE A 557 -14.10 0.61 11.14
N SER A 558 -14.58 -0.27 10.27
CA SER A 558 -15.45 -1.35 10.73
C SER A 558 -14.71 -2.29 11.68
N LYS A 559 -13.40 -2.45 11.49
CA LYS A 559 -12.64 -3.35 12.35
C LYS A 559 -12.62 -2.86 13.79
N TYR A 560 -12.51 -1.54 13.99
CA TYR A 560 -12.50 -1.00 15.35
C TYR A 560 -13.80 -1.30 16.07
N VAL A 561 -14.94 -1.18 15.39
CA VAL A 561 -16.23 -1.38 16.03
C VAL A 561 -16.34 -2.80 16.57
N LYS A 562 -16.00 -3.79 15.74
CA LYS A 562 -16.14 -5.18 16.15
C LYS A 562 -15.21 -5.51 17.33
N ARG A 563 -13.98 -5.02 17.28
CA ARG A 563 -13.03 -5.34 18.34
C ARG A 563 -13.47 -4.75 19.68
N PHE A 564 -13.97 -3.52 19.68
CA PHE A 564 -14.41 -2.90 20.93
C PHE A 564 -15.54 -3.70 21.56
N ILE A 565 -16.52 -4.11 20.76
CA ILE A 565 -17.60 -4.95 21.28
C ILE A 565 -17.06 -6.33 21.67
N ARG A 566 -16.15 -6.87 20.86
CA ARG A 566 -15.59 -8.19 21.16
C ARG A 566 -14.85 -8.17 22.49
N CYS A 567 -14.06 -7.13 22.74
CA CYS A 567 -13.35 -7.04 24.01
C CYS A 567 -14.32 -6.93 25.17
N ASP A 568 -15.41 -6.17 25.01
CA ASP A 568 -16.38 -6.02 26.08
C ASP A 568 -17.00 -7.35 26.46
N MET A 569 -17.35 -8.18 25.46
CA MET A 569 -17.93 -9.48 25.75
C MET A 569 -16.95 -10.36 26.52
N LEU A 570 -15.68 -10.36 26.12
CA LEU A 570 -14.69 -11.16 26.83
C LEU A 570 -14.53 -10.70 28.27
N ALA A 571 -14.51 -9.38 28.48
CA ALA A 571 -14.34 -8.86 29.84
C ALA A 571 -15.48 -9.28 30.75
N LYS A 572 -16.71 -9.28 30.23
CA LYS A 572 -17.89 -9.62 31.01
C LYS A 572 -18.04 -11.12 31.26
N GLY A 573 -17.05 -11.92 30.89
CA GLY A 573 -17.08 -13.35 31.14
C GLY A 573 -17.78 -14.18 30.09
N PHE A 574 -18.35 -13.55 29.06
CA PHE A 574 -19.00 -14.30 27.99
C PHE A 574 -17.98 -15.12 27.22
N ASN A 575 -18.43 -16.27 26.71
CA ASN A 575 -17.55 -17.15 25.97
C ASN A 575 -17.01 -16.44 24.73
N LYS A 576 -15.74 -16.71 24.41
CA LYS A 576 -15.07 -16.08 23.28
C LYS A 576 -15.56 -16.62 21.94
N SER A 577 -16.46 -17.59 21.91
CA SER A 577 -17.01 -18.11 20.66
C SER A 577 -18.24 -17.35 20.19
N GLU A 578 -19.12 -16.97 21.12
CA GLU A 578 -20.33 -16.21 20.78
C GLU A 578 -20.09 -14.72 20.72
N ALA A 579 -18.92 -14.23 21.14
CA ALA A 579 -18.66 -12.80 21.14
C ALA A 579 -18.72 -12.23 19.73
N ASN A 580 -18.13 -12.94 18.76
CA ASN A 580 -18.18 -12.47 17.38
C ASN A 580 -19.60 -12.42 16.86
N ARG A 581 -20.41 -13.44 17.19
CA ARG A 581 -21.80 -13.45 16.72
C ARG A 581 -22.58 -12.28 17.31
N VAL A 582 -22.39 -11.99 18.60
CA VAL A 582 -23.07 -10.85 19.22
C VAL A 582 -22.62 -9.56 18.57
N ALA A 583 -21.32 -9.41 18.33
CA ALA A 583 -20.81 -8.20 17.70
C ALA A 583 -21.37 -8.05 16.28
N ALA A 584 -21.44 -9.15 15.54
CA ALA A 584 -21.94 -9.08 14.17
C ALA A 584 -23.38 -8.58 14.13
N ILE A 585 -24.22 -9.05 15.05
CA ILE A 585 -25.62 -8.62 15.07
C ILE A 585 -25.70 -7.12 15.28
N TYR A 586 -24.96 -6.61 16.26
CA TYR A 586 -24.96 -5.17 16.51
C TYR A 586 -24.37 -4.41 15.33
N THR A 587 -23.28 -4.91 14.75
CA THR A 587 -22.63 -4.21 13.64
C THR A 587 -23.57 -4.05 12.46
N ASN A 588 -24.31 -5.12 12.12
CA ASN A 588 -25.22 -5.05 10.98
C ASN A 588 -26.30 -4.00 11.20
N ALA A 589 -26.86 -3.95 12.41
CA ALA A 589 -27.96 -3.03 12.67
C ALA A 589 -27.51 -1.57 12.54
N TYR A 590 -26.40 -1.22 13.20
CA TYR A 590 -25.94 0.16 13.17
C TYR A 590 -25.43 0.54 11.79
N ILE A 591 -24.58 -0.31 11.20
CA ILE A 591 -24.04 -0.02 9.88
C ILE A 591 -25.15 0.01 8.84
N TYR A 592 -26.06 -0.96 8.90
CA TYR A 592 -27.18 -1.03 7.96
C TYR A 592 -28.51 -0.87 8.70
N SER A 614 -23.12 1.72 21.84
CA SER A 614 -24.08 2.78 21.60
C SER A 614 -23.38 4.08 21.25
N SER A 615 -22.20 4.30 21.84
CA SER A 615 -21.42 5.49 21.60
C SER A 615 -20.40 5.31 20.48
N LEU A 616 -20.38 4.15 19.82
CA LEU A 616 -19.42 3.89 18.76
C LEU A 616 -19.83 4.49 17.42
N PHE A 617 -21.04 5.04 17.31
CA PHE A 617 -21.51 5.60 16.05
C PHE A 617 -22.06 7.00 16.29
N PRO A 618 -21.90 7.91 15.33
CA PRO A 618 -22.52 9.23 15.46
C PRO A 618 -23.94 9.25 14.91
N SER A 619 -24.59 10.41 14.97
CA SER A 619 -25.93 10.54 14.41
C SER A 619 -25.87 10.45 12.89
N LYS A 620 -26.92 9.89 12.31
CA LYS A 620 -26.97 9.73 10.85
C LYS A 620 -26.85 11.10 10.18
N ILE A 621 -25.99 11.17 9.16
CA ILE A 621 -25.68 12.43 8.50
C ILE A 621 -26.61 12.64 7.31
N ASN A 622 -26.55 11.72 6.34
CA ASN A 622 -27.36 11.86 5.15
C ASN A 622 -28.84 11.79 5.50
N LYS A 623 -29.62 12.72 4.93
CA LYS A 623 -31.06 12.75 5.14
C LYS A 623 -31.82 11.93 4.11
N GLY A 624 -31.14 11.35 3.13
CA GLY A 624 -31.78 10.55 2.11
C GLY A 624 -32.08 9.13 2.49
N GLY A 625 -31.68 8.70 3.69
CA GLY A 625 -31.94 7.36 4.15
C GLY A 625 -30.95 6.31 3.69
N PHE A 626 -29.84 6.73 3.06
CA PHE A 626 -28.85 5.76 2.61
C PHE A 626 -28.14 5.13 3.80
N PRO A 627 -27.60 3.92 3.63
CA PRO A 627 -26.89 3.27 4.74
C PRO A 627 -25.74 4.12 5.24
N ARG A 628 -25.17 3.69 6.38
CA ARG A 628 -24.06 4.40 6.98
C ARG A 628 -22.80 4.36 6.13
N VAL A 629 -22.74 3.46 5.15
CA VAL A 629 -21.55 3.38 4.29
C VAL A 629 -21.33 4.69 3.57
N TYR A 630 -22.40 5.30 3.06
CA TYR A 630 -22.27 6.59 2.39
C TYR A 630 -21.77 7.66 3.36
N ASP A 631 -22.27 7.63 4.60
CA ASP A 631 -21.83 8.61 5.59
C ASP A 631 -20.33 8.49 5.85
N LEU A 632 -19.82 7.25 5.93
CA LEU A 632 -18.40 7.05 6.15
C LEU A 632 -17.58 7.66 5.01
N LYS A 633 -18.01 7.45 3.76
CA LYS A 633 -17.31 8.03 2.63
C LYS A 633 -17.51 9.53 2.52
N ALA A 634 -18.54 10.08 3.17
CA ALA A 634 -18.77 11.52 3.09
C ALA A 634 -17.60 12.30 3.67
N ASN A 635 -17.12 11.89 4.84
CA ASN A 635 -15.97 12.54 5.46
C ASN A 635 -15.31 11.59 6.45
N PRO A 636 -14.01 11.28 6.29
CA PRO A 636 -13.36 10.40 7.26
C PRO A 636 -12.91 11.09 8.54
N TRP A 637 -12.73 12.41 8.52
CA TRP A 637 -12.24 13.11 9.70
C TRP A 637 -13.23 13.04 10.85
N VAL A 638 -14.53 13.00 10.55
CA VAL A 638 -15.54 12.97 11.60
C VAL A 638 -15.38 11.72 12.47
N TYR A 639 -15.05 10.59 11.84
CA TYR A 639 -14.93 9.33 12.56
C TYR A 639 -13.55 9.13 13.19
N LEU A 640 -12.56 9.94 12.82
CA LEU A 640 -11.22 9.75 13.37
C LEU A 640 -11.18 9.91 14.88
N PRO A 641 -11.80 10.92 15.48
CA PRO A 641 -11.79 11.01 16.95
C PRO A 641 -12.36 9.77 17.63
N LYS A 642 -13.39 9.15 17.04
CA LYS A 642 -13.99 7.98 17.66
C LYS A 642 -12.98 6.83 17.75
N MET A 643 -12.21 6.62 16.69
CA MET A 643 -11.22 5.54 16.70
C MET A 643 -10.15 5.78 17.76
N VAL A 644 -9.73 7.04 17.94
CA VAL A 644 -8.74 7.35 18.95
C VAL A 644 -9.26 6.98 20.34
N MET A 645 -10.53 7.27 20.61
CA MET A 645 -11.11 6.92 21.90
C MET A 645 -11.10 5.41 22.10
N ILE A 646 -11.39 4.64 21.05
CA ILE A 646 -11.44 3.18 21.16
C ILE A 646 -10.07 2.65 21.59
N ASN A 647 -9.01 3.12 20.93
CA ASN A 647 -7.68 2.61 21.23
C ASN A 647 -7.27 2.90 22.67
N GLN A 648 -7.58 4.10 23.17
CA GLN A 648 -7.19 4.45 24.53
C GLN A 648 -7.82 3.50 25.55
N ALA A 649 -9.10 3.18 25.36
CA ALA A 649 -9.78 2.26 26.28
C ALA A 649 -9.16 0.87 26.20
N LEU A 650 -8.85 0.40 24.99
CA LEU A 650 -8.34 -0.96 24.82
C LEU A 650 -7.03 -1.16 25.57
N GLU A 651 -6.20 -0.13 25.67
CA GLU A 651 -4.89 -0.29 26.31
C GLU A 651 -5.02 -0.51 27.81
N THR A 652 -5.98 0.15 28.46
CA THR A 652 -6.09 0.11 29.91
C THR A 652 -7.43 -0.42 30.41
N ASP A 653 -8.53 -0.08 29.74
CA ASP A 653 -9.84 -0.47 30.26
C ASP A 653 -9.99 -1.98 30.32
N PHE A 654 -9.55 -2.68 29.27
CA PHE A 654 -9.68 -4.14 29.19
C PHE A 654 -8.39 -4.82 29.63
N SER A 655 -8.03 -4.60 30.90
CA SER A 655 -6.80 -5.18 31.43
C SER A 655 -6.87 -6.71 31.46
N SER A 656 -8.02 -7.26 31.85
CA SER A 656 -8.12 -8.71 32.04
C SER A 656 -8.16 -9.48 30.73
N VAL A 657 -8.46 -8.82 29.61
CA VAL A 657 -8.56 -9.53 28.34
C VAL A 657 -7.18 -10.04 27.93
N GLU A 658 -7.18 -11.14 27.18
CA GLU A 658 -5.92 -11.76 26.78
C GLU A 658 -5.14 -10.84 25.84
N HIS A 659 -3.82 -10.97 25.87
CA HIS A 659 -2.96 -10.15 25.02
C HIS A 659 -3.22 -10.41 23.55
N LYS A 660 -3.41 -11.68 23.18
CA LYS A 660 -3.61 -12.02 21.77
C LYS A 660 -4.86 -11.33 21.22
N GLU A 661 -5.94 -11.30 22.00
CA GLU A 661 -7.16 -10.63 21.54
C GLU A 661 -6.95 -9.12 21.43
N ARG A 662 -6.13 -8.53 22.29
CA ARG A 662 -5.90 -7.09 22.30
C ARG A 662 -4.79 -6.74 21.32
N ARG A 663 -5.15 -6.76 20.03
CA ARG A 663 -4.24 -6.37 18.96
C ARG A 663 -4.50 -4.91 18.63
N LEU A 664 -3.54 -4.05 18.95
CA LEU A 664 -3.70 -2.61 18.78
C LEU A 664 -3.52 -2.22 17.33
N LEU A 665 -4.34 -1.27 16.88
CA LEU A 665 -4.27 -0.74 15.52
C LEU A 665 -3.54 0.61 15.55
N ASN A 666 -3.44 1.24 14.38
CA ASN A 666 -2.73 2.50 14.20
C ASN A 666 -3.65 3.49 13.50
N PRO A 667 -4.55 4.13 14.23
CA PRO A 667 -5.44 5.12 13.59
C PRO A 667 -4.71 6.28 12.95
N LEU A 668 -3.50 6.61 13.42
CA LEU A 668 -2.72 7.73 12.89
C LEU A 668 -1.45 7.19 12.25
N PRO A 669 -1.46 6.94 10.95
CA PRO A 669 -0.26 6.40 10.29
C PRO A 669 0.91 7.36 10.36
N PHE A 670 2.12 6.81 10.41
CA PHE A 670 3.33 7.60 10.38
C PHE A 670 4.45 6.73 9.84
N TYR A 671 5.43 7.37 9.21
CA TYR A 671 6.56 6.66 8.59
C TYR A 671 7.50 6.18 9.68
N SER A 672 7.34 4.93 10.10
CA SER A 672 8.18 4.34 11.13
C SER A 672 9.40 3.63 10.55
N SER A 673 9.29 3.10 9.33
CA SER A 673 10.40 2.36 8.73
C SER A 673 11.61 3.27 8.56
N PHE A 674 12.78 2.78 8.96
CA PHE A 674 14.01 3.54 8.81
C PHE A 674 14.60 3.46 7.41
N VAL A 675 14.14 2.52 6.59
CA VAL A 675 14.66 2.39 5.23
C VAL A 675 14.25 3.62 4.42
N PRO A 676 15.13 4.19 3.60
CA PRO A 676 14.73 5.35 2.80
C PRO A 676 13.55 5.02 1.89
N MET A 677 12.68 6.01 1.71
CA MET A 677 11.50 5.86 0.87
C MET A 677 11.74 6.47 -0.50
N HIS A 678 10.83 6.15 -1.43
CA HIS A 678 10.93 6.65 -2.79
C HIS A 678 10.50 8.11 -2.86
N ILE A 679 10.96 8.78 -3.93
CA ILE A 679 10.63 10.18 -4.17
C ILE A 679 10.25 10.34 -5.64
N ARG A 680 9.52 11.41 -5.92
CA ARG A 680 9.07 11.74 -7.28
C ARG A 680 9.85 12.95 -7.77
N ILE A 681 10.39 12.85 -8.98
CA ILE A 681 11.19 13.90 -9.59
C ILE A 681 10.51 14.31 -10.90
N ASP A 682 10.27 15.61 -11.05
CA ASP A 682 9.66 16.18 -12.25
C ASP A 682 10.64 17.15 -12.89
N THR A 683 10.21 17.75 -14.00
CA THR A 683 11.06 18.71 -14.71
C THR A 683 11.40 19.89 -13.81
N SER A 684 10.40 20.45 -13.14
CA SER A 684 10.66 21.57 -12.23
C SER A 684 11.53 21.14 -11.06
N GLY A 685 11.25 19.97 -10.48
CA GLY A 685 12.06 19.50 -9.38
C GLY A 685 13.49 19.19 -9.78
N LEU A 686 13.67 18.58 -10.95
CA LEU A 686 15.01 18.21 -11.39
C LEU A 686 15.90 19.45 -11.55
N SER A 687 15.35 20.52 -12.11
CA SER A 687 16.14 21.73 -12.29
C SER A 687 16.63 22.30 -10.97
N GLN A 688 15.74 22.33 -9.96
CA GLN A 688 16.13 22.87 -8.66
C GLN A 688 17.25 22.06 -8.03
N LEU A 689 17.37 20.78 -8.37
CA LEU A 689 18.36 19.92 -7.74
C LEU A 689 19.74 20.07 -8.39
N LEU A 690 19.82 19.77 -9.68
CA LEU A 690 21.11 19.69 -10.36
C LEU A 690 21.50 20.98 -11.09
N MET A 691 20.55 21.72 -11.62
CA MET A 691 20.89 22.90 -12.42
C MET A 691 21.53 23.97 -11.55
N THR A 692 22.52 24.65 -12.12
CA THR A 692 23.19 25.76 -11.44
C THR A 692 23.38 26.89 -12.45
N LYS A 693 23.52 28.10 -11.92
CA LYS A 693 23.64 29.28 -12.78
C LYS A 693 24.86 29.16 -13.69
N ASP A 694 26.00 28.77 -13.14
CA ASP A 694 27.20 28.59 -13.97
C ASP A 694 26.98 27.48 -15.00
N ARG A 695 26.38 26.37 -14.59
CA ARG A 695 26.11 25.28 -15.52
C ARG A 695 24.91 25.55 -16.42
N LEU A 696 24.05 26.49 -16.03
CA LEU A 696 22.87 26.78 -16.84
C LEU A 696 23.26 27.35 -18.20
N ASP A 697 24.30 28.20 -18.23
CA ASP A 697 24.70 28.81 -19.50
C ASP A 697 25.04 27.77 -20.55
N ASP A 698 25.58 26.62 -20.15
CA ASP A 698 25.89 25.57 -21.10
C ASP A 698 24.62 25.07 -21.78
N PHE A 699 23.55 24.87 -21.01
CA PHE A 699 22.29 24.43 -21.60
C PHE A 699 21.75 25.46 -22.58
N LYS A 700 21.83 26.73 -22.23
CA LYS A 700 21.33 27.78 -23.11
C LYS A 700 22.08 27.80 -24.43
N ARG A 701 23.42 27.70 -24.38
CA ARG A 701 24.20 27.69 -25.61
C ARG A 701 23.88 26.47 -26.46
N SER A 702 23.78 25.30 -25.83
CA SER A 702 23.48 24.09 -26.59
C SER A 702 22.10 24.17 -27.24
N TYR A 703 21.10 24.67 -26.51
CA TYR A 703 19.76 24.78 -27.07
C TYR A 703 19.72 25.74 -28.25
N LEU A 704 20.40 26.88 -28.12
CA LEU A 704 20.40 27.86 -29.21
C LEU A 704 21.06 27.30 -30.46
N ALA A 705 22.22 26.65 -30.30
CA ALA A 705 22.93 26.12 -31.46
C ALA A 705 22.14 25.00 -32.13
N GLU A 706 21.56 24.11 -31.34
CA GLU A 706 20.86 22.95 -31.90
C GLU A 706 19.46 23.28 -32.39
N PHE A 707 18.83 24.34 -31.86
CA PHE A 707 17.46 24.67 -32.22
C PHE A 707 17.31 26.08 -32.77
N GLY A 708 18.31 26.94 -32.63
CA GLY A 708 18.24 28.28 -33.18
C GLY A 708 17.39 29.25 -32.40
N VAL A 709 16.96 28.90 -31.19
CA VAL A 709 16.14 29.75 -30.35
C VAL A 709 16.86 29.96 -29.02
N SER A 710 16.97 31.22 -28.61
CA SER A 710 17.64 31.58 -27.36
C SER A 710 16.61 31.70 -26.25
N LEU A 711 16.85 30.98 -25.15
CA LEU A 711 15.93 31.01 -24.03
C LEU A 711 16.00 32.34 -23.29
N ASN A 712 14.84 32.84 -22.87
CA ASN A 712 14.77 34.09 -22.11
C ASN A 712 14.91 33.80 -20.61
N ILE A 713 16.07 33.24 -20.26
CA ILE A 713 16.39 32.85 -18.90
C ILE A 713 17.64 33.60 -18.47
N LYS A 714 17.56 34.25 -17.30
CA LYS A 714 18.68 34.99 -16.74
C LYS A 714 19.11 34.50 -15.36
N ASN A 715 18.25 33.77 -14.65
CA ASN A 715 18.58 33.23 -13.33
C ASN A 715 18.06 31.81 -13.23
N LYS A 716 18.48 31.11 -12.18
CA LYS A 716 18.07 29.72 -11.99
C LYS A 716 16.56 29.63 -11.80
N GLY A 717 15.97 30.54 -11.04
CA GLY A 717 14.55 30.50 -10.78
C GLY A 717 13.68 30.91 -11.95
N ASP A 718 14.26 31.49 -13.00
CA ASP A 718 13.50 31.89 -14.18
C ASP A 718 13.12 30.71 -15.06
N MET A 719 13.67 29.52 -14.82
CA MET A 719 13.35 28.35 -15.63
C MET A 719 11.92 27.87 -15.43
N LEU A 720 11.23 28.35 -14.39
CA LEU A 720 9.85 27.95 -14.11
C LEU A 720 8.83 28.92 -14.70
N ALA A 721 9.27 29.87 -15.52
CA ALA A 721 8.36 30.85 -16.10
C ALA A 721 7.41 30.18 -17.09
N SER A 722 6.29 30.85 -17.35
CA SER A 722 5.30 30.33 -18.28
C SER A 722 5.85 30.25 -19.69
N PHE A 723 5.31 29.32 -20.47
CA PHE A 723 5.81 29.10 -21.83
C PHE A 723 5.74 30.36 -22.68
N GLU A 724 4.83 31.28 -22.35
CA GLU A 724 4.68 32.49 -23.14
C GLU A 724 5.97 33.31 -23.14
N LYS A 725 6.60 33.46 -21.98
CA LYS A 725 7.76 34.32 -21.83
C LYS A 725 9.08 33.59 -22.07
N ILE A 726 9.07 32.26 -22.19
CA ILE A 726 10.32 31.54 -22.41
C ILE A 726 10.91 31.88 -23.76
N PHE A 727 10.07 31.90 -24.81
CA PHE A 727 10.53 32.15 -26.17
C PHE A 727 9.94 33.42 -26.77
N GLY A 728 8.97 34.05 -26.12
CA GLY A 728 8.28 35.19 -26.70
C GLY A 728 7.16 34.85 -27.65
N ARG A 729 6.91 33.57 -27.90
CA ARG A 729 5.82 33.13 -28.76
C ARG A 729 5.11 31.96 -28.11
N LYS A 730 3.84 31.77 -28.47
CA LYS A 730 3.00 30.75 -27.87
C LYS A 730 2.93 29.52 -28.78
N ALA A 731 2.78 28.37 -28.15
CA ALA A 731 2.72 27.11 -28.89
C ALA A 731 1.42 27.01 -29.69
N THR A 732 1.51 26.31 -30.82
CA THR A 732 0.35 26.15 -31.69
C THR A 732 -0.64 25.12 -31.14
N SER A 733 -0.16 24.14 -30.38
CA SER A 733 -1.03 23.08 -29.88
C SER A 733 -0.47 22.55 -28.56
N ASN A 734 -1.31 21.83 -27.83
CA ASN A 734 -0.91 21.28 -26.54
C ASN A 734 0.25 20.28 -26.71
N ARG A 735 0.18 19.44 -27.73
CA ARG A 735 1.22 18.44 -27.93
C ARG A 735 2.58 19.08 -28.19
N GLU A 736 2.59 20.29 -28.77
CA GLU A 736 3.85 20.97 -29.01
C GLU A 736 4.58 21.28 -27.70
N ALA A 737 3.84 21.72 -26.68
CA ALA A 737 4.45 22.05 -25.41
C ALA A 737 5.11 20.82 -24.77
N GLY A 738 4.50 19.65 -24.93
CA GLY A 738 5.07 18.45 -24.33
C GLY A 738 6.45 18.13 -24.86
N LEU A 739 6.69 18.42 -26.15
CA LEU A 739 8.00 18.13 -26.74
C LEU A 739 9.11 18.91 -26.03
N TYR A 740 8.81 20.11 -25.55
CA TYR A 740 9.82 20.90 -24.85
C TYR A 740 10.29 20.21 -23.58
N ALA A 741 9.37 19.60 -22.83
CA ALA A 741 9.75 18.92 -21.60
C ALA A 741 10.69 17.75 -21.87
N THR A 742 10.44 17.00 -22.95
CA THR A 742 11.25 15.82 -23.22
C THR A 742 12.72 16.19 -23.43
N GLU A 743 12.98 17.26 -24.18
CA GLU A 743 14.36 17.64 -24.47
C GLU A 743 15.11 18.07 -23.21
N MET A 744 14.41 18.65 -22.23
CA MET A 744 15.07 19.09 -21.01
C MET A 744 15.69 17.91 -20.26
N TRP A 745 14.97 16.79 -20.20
CA TRP A 745 15.51 15.60 -19.52
C TRP A 745 16.77 15.10 -20.21
N SER A 746 16.82 15.22 -21.54
CA SER A 746 17.97 14.69 -22.28
C SER A 746 19.27 15.37 -21.87
N PHE A 747 19.23 16.68 -21.63
CA PHE A 747 20.45 17.40 -21.28
C PHE A 747 21.00 16.92 -19.94
N LEU A 748 20.14 16.77 -18.94
CA LEU A 748 20.58 16.41 -17.59
C LEU A 748 20.60 14.91 -17.35
N THR A 749 20.08 14.10 -18.26
CA THR A 749 20.05 12.66 -18.09
C THR A 749 20.26 11.99 -19.43
N ASN A 750 20.78 10.76 -19.39
CA ASN A 750 21.02 9.97 -20.59
C ASN A 750 19.73 9.25 -21.02
N LEU A 751 18.70 10.07 -21.28
CA LEU A 751 17.39 9.53 -21.63
C LEU A 751 17.46 8.74 -22.93
N LYS A 752 18.11 9.30 -23.95
CA LYS A 752 18.17 8.69 -25.26
C LYS A 752 19.46 7.93 -25.51
N THR A 753 20.35 7.85 -24.52
CA THR A 753 21.65 7.19 -24.65
C THR A 753 21.90 6.27 -23.47
N CYS A 754 20.89 5.47 -23.12
CA CYS A 754 21.01 4.54 -22.00
C CYS A 754 20.37 3.22 -22.37
N ARG A 755 20.73 2.17 -21.62
CA ARG A 755 20.22 0.84 -21.90
C ARG A 755 18.70 0.79 -21.77
N GLN A 756 18.15 1.45 -20.76
CA GLN A 756 16.71 1.40 -20.51
C GLN A 756 15.90 2.08 -21.59
N TRP A 757 16.52 2.89 -22.45
CA TRP A 757 15.78 3.61 -23.48
C TRP A 757 15.19 2.69 -24.53
N LYS A 758 15.59 1.42 -24.59
CA LYS A 758 15.05 0.51 -25.58
C LYS A 758 13.54 0.35 -25.40
N GLU A 759 13.08 0.20 -24.16
CA GLU A 759 11.68 -0.06 -23.87
C GLU A 759 10.83 1.21 -23.83
N LEU A 760 11.45 2.39 -23.92
CA LEU A 760 10.73 3.65 -23.87
C LEU A 760 10.71 4.40 -25.20
N ASP A 761 11.44 3.93 -26.20
CA ASP A 761 11.52 4.62 -27.49
C ASP A 761 10.37 4.18 -28.39
N GLY A 762 9.15 4.56 -27.98
CA GLY A 762 7.98 4.27 -28.78
C GLY A 762 7.73 2.79 -29.01
N VAL A 763 7.88 1.98 -27.97
CA VAL A 763 7.68 0.53 -28.09
C VAL A 763 6.19 0.23 -27.97
N VAL A 764 5.68 -0.56 -28.91
CA VAL A 764 4.27 -0.96 -28.94
C VAL A 764 4.21 -2.47 -28.70
N ARG A 765 3.40 -2.87 -27.73
CA ARG A 765 3.27 -4.29 -27.41
C ARG A 765 2.59 -5.03 -28.55
N LYS A 766 2.90 -6.33 -28.64
CA LYS A 766 2.45 -7.13 -29.78
C LYS A 766 0.95 -7.39 -29.74
N ASN A 767 0.33 -7.36 -28.55
CA ASN A 767 -1.03 -7.80 -28.37
C ASN A 767 -1.95 -6.67 -27.94
N ASP A 768 -1.77 -5.49 -28.53
CA ASP A 768 -2.64 -4.35 -28.26
C ASP A 768 -3.63 -4.21 -29.41
N PRO A 769 -4.92 -4.54 -29.22
CA PRO A 769 -5.86 -4.37 -30.34
C PRO A 769 -5.92 -2.95 -30.87
N LYS A 770 -5.80 -1.96 -30.00
CA LYS A 770 -5.85 -0.57 -30.41
C LYS A 770 -4.55 -0.07 -31.03
N GLY A 771 -3.46 -0.82 -30.89
CA GLY A 771 -2.18 -0.38 -31.42
C GLY A 771 -1.70 0.92 -30.81
N THR A 772 -1.88 1.07 -29.51
CA THR A 772 -1.49 2.30 -28.83
C THR A 772 0.02 2.45 -28.83
N GLN A 773 0.48 3.69 -29.00
CA GLN A 773 1.90 4.04 -28.95
C GLN A 773 2.15 4.89 -27.72
N TRP A 774 3.20 4.55 -26.97
CA TRP A 774 3.50 5.19 -25.70
C TRP A 774 4.83 5.92 -25.78
N MET A 775 4.98 6.95 -24.95
CA MET A 775 6.20 7.73 -24.91
C MET A 775 6.41 8.27 -23.50
N PHE A 776 7.64 8.68 -23.22
CA PHE A 776 8.00 9.11 -21.87
C PHE A 776 7.16 10.32 -21.45
N ASP A 777 6.75 10.31 -20.18
CA ASP A 777 5.85 11.33 -19.64
C ASP A 777 6.58 12.40 -18.85
N ASN A 778 7.89 12.47 -18.94
CA ASN A 778 8.68 13.50 -18.25
C ASN A 778 8.50 13.39 -16.73
N ALA A 779 8.37 12.17 -16.24
CA ALA A 779 8.25 11.91 -14.81
C ALA A 779 9.06 10.68 -14.45
N VAL A 780 9.76 10.76 -13.31
CA VAL A 780 10.62 9.67 -12.85
C VAL A 780 10.42 9.49 -11.35
N VAL A 781 10.32 8.23 -10.93
CA VAL A 781 10.25 7.87 -9.51
C VAL A 781 11.40 6.90 -9.23
N THR A 782 12.20 7.21 -8.22
CA THR A 782 13.35 6.39 -7.89
C THR A 782 13.68 6.54 -6.41
N ASP A 783 14.45 5.58 -5.90
CA ASP A 783 14.90 5.59 -4.52
C ASP A 783 16.41 5.38 -4.41
N GLY A 784 17.13 5.57 -5.50
CA GLY A 784 18.57 5.40 -5.53
C GLY A 784 19.03 4.04 -6.03
N VAL A 785 18.14 3.05 -6.06
CA VAL A 785 18.46 1.71 -6.53
C VAL A 785 17.56 1.30 -7.69
N SER A 786 16.25 1.51 -7.55
CA SER A 786 15.28 1.17 -8.57
C SER A 786 14.60 2.43 -9.08
N ILE A 787 14.38 2.50 -10.39
CA ILE A 787 13.77 3.65 -11.04
C ILE A 787 12.51 3.18 -11.77
N SER A 788 11.41 3.89 -11.55
CA SER A 788 10.14 3.61 -12.20
C SER A 788 9.84 4.73 -13.19
N PHE A 789 9.56 4.36 -14.44
CA PHE A 789 9.30 5.32 -15.50
C PHE A 789 7.81 5.44 -15.76
N GLN A 790 7.35 6.66 -15.98
CA GLN A 790 5.96 6.96 -16.29
C GLN A 790 5.83 7.17 -17.78
N VAL A 791 4.96 6.39 -18.42
CA VAL A 791 4.75 6.43 -19.86
C VAL A 791 3.26 6.57 -20.11
N ILE A 792 2.89 7.50 -21.00
CA ILE A 792 1.50 7.80 -21.29
C ILE A 792 1.23 7.55 -22.77
N ASP A 793 -0.05 7.54 -23.13
CA ASP A 793 -0.45 7.31 -24.51
C ASP A 793 0.00 8.47 -25.39
N ASN A 794 0.40 8.13 -26.62
CA ASN A 794 0.84 9.16 -27.56
C ASN A 794 -0.30 10.11 -27.91
N SER A 795 -1.51 9.56 -28.10
CA SER A 795 -2.64 10.40 -28.51
C SER A 795 -2.92 11.50 -27.48
N MET A 796 -2.72 11.21 -26.20
CA MET A 796 -3.00 12.16 -25.13
C MET A 796 -1.73 12.79 -24.58
N PHE A 797 -0.61 12.65 -25.28
CA PHE A 797 0.65 13.23 -24.83
C PHE A 797 0.57 14.77 -24.82
N GLY A 798 1.29 15.38 -23.89
CA GLY A 798 1.32 16.81 -23.77
C GLY A 798 0.48 17.32 -22.62
N ARG A 799 -0.03 18.55 -22.74
CA ARG A 799 -0.86 19.15 -21.70
C ARG A 799 -2.22 18.46 -21.70
N LYS A 800 -2.43 17.58 -20.72
CA LYS A 800 -3.68 16.85 -20.63
C LYS A 800 -4.81 17.76 -20.16
N ALA A 801 -6.03 17.39 -20.53
CA ALA A 801 -7.21 18.14 -20.12
C ALA A 801 -7.46 17.95 -18.62
N PHE A 802 -8.35 18.78 -18.09
CA PHE A 802 -8.68 18.69 -16.66
C PHE A 802 -9.19 17.31 -16.31
N SER A 803 -8.66 16.75 -15.23
CA SER A 803 -9.06 15.42 -14.78
C SER A 803 -8.56 15.15 -13.37
N ARG A 825 -20.56 -17.09 -23.45
CA ARG A 825 -21.55 -17.81 -22.67
C ARG A 825 -21.65 -19.26 -23.12
N GLU A 826 -21.77 -19.46 -24.43
CA GLU A 826 -21.86 -20.81 -24.99
C GLU A 826 -20.58 -21.59 -24.86
N GLU A 827 -19.45 -20.93 -24.55
CA GLU A 827 -18.18 -21.62 -24.42
C GLU A 827 -18.15 -22.56 -23.23
N LEU A 828 -19.08 -22.40 -22.28
CA LEU A 828 -19.10 -23.27 -21.11
C LEU A 828 -19.33 -24.74 -21.49
N LYS A 829 -20.08 -24.98 -22.57
CA LYS A 829 -20.37 -26.34 -22.97
C LYS A 829 -19.10 -27.11 -23.34
N THR A 830 -18.20 -26.46 -24.08
CA THR A 830 -16.97 -27.11 -24.52
C THR A 830 -15.78 -26.84 -23.61
N SER A 831 -15.79 -25.72 -22.88
CA SER A 831 -14.67 -25.40 -22.01
C SER A 831 -14.65 -26.32 -20.79
N LYS A 832 -13.46 -26.45 -20.21
CA LYS A 832 -13.27 -27.26 -19.01
C LYS A 832 -13.44 -26.39 -17.78
N LEU A 833 -14.25 -26.85 -16.83
CA LEU A 833 -14.64 -26.07 -15.68
C LEU A 833 -13.86 -26.49 -14.44
N LEU A 834 -13.48 -25.50 -13.62
CA LEU A 834 -12.76 -25.73 -12.38
C LEU A 834 -13.25 -24.72 -11.34
N GLY A 835 -12.97 -25.02 -10.08
CA GLY A 835 -13.40 -24.17 -8.99
C GLY A 835 -12.24 -23.83 -8.07
N CYS A 836 -12.45 -22.76 -7.29
CA CYS A 836 -11.45 -22.30 -6.34
C CYS A 836 -12.12 -21.99 -5.00
N ASP A 837 -11.32 -22.10 -3.94
CA ASP A 837 -11.77 -21.81 -2.58
C ASP A 837 -10.68 -21.01 -1.88
N PRO A 838 -10.73 -19.68 -1.98
CA PRO A 838 -9.66 -18.87 -1.37
C PRO A 838 -9.67 -18.92 0.15
N GLY A 839 -8.68 -19.58 0.74
CA GLY A 839 -8.56 -19.70 2.18
C GLY A 839 -7.61 -18.67 2.76
N LYS A 840 -7.12 -18.98 3.96
CA LYS A 840 -6.18 -18.13 4.67
C LYS A 840 -4.80 -18.75 4.78
N ARG A 841 -4.72 -20.00 5.24
CA ARG A 841 -3.44 -20.69 5.28
C ARG A 841 -2.87 -20.85 3.88
N ASP A 842 -3.71 -21.22 2.92
CA ASP A 842 -3.34 -21.33 1.52
C ASP A 842 -3.98 -20.20 0.74
N ILE A 843 -3.17 -19.47 -0.04
CA ILE A 843 -3.68 -18.31 -0.76
C ILE A 843 -4.75 -18.73 -1.76
N LEU A 844 -4.51 -19.82 -2.50
CA LEU A 844 -5.45 -20.31 -3.48
C LEU A 844 -5.44 -21.83 -3.48
N ALA A 845 -6.55 -22.41 -3.95
CA ALA A 845 -6.70 -23.85 -4.07
C ALA A 845 -7.53 -24.17 -5.30
N ILE A 846 -7.17 -25.25 -5.98
CA ILE A 846 -7.84 -25.67 -7.20
C ILE A 846 -8.19 -27.15 -7.08
N THR A 847 -9.43 -27.50 -7.46
CA THR A 847 -9.90 -28.87 -7.42
C THR A 847 -10.66 -29.17 -8.70
N ASP A 848 -10.67 -30.47 -9.06
CA ASP A 848 -11.38 -30.93 -10.25
C ASP A 848 -12.30 -32.11 -9.94
N GLY A 849 -12.47 -32.47 -8.68
CA GLY A 849 -13.28 -33.60 -8.29
C GLY A 849 -12.52 -34.90 -8.12
N ILE A 850 -11.28 -34.98 -8.60
CA ILE A 850 -10.46 -36.18 -8.43
C ILE A 850 -9.09 -35.88 -7.84
N LYS A 851 -8.58 -34.66 -7.95
CA LYS A 851 -7.30 -34.31 -7.36
C LYS A 851 -7.31 -32.83 -6.98
N THR A 852 -6.44 -32.46 -6.05
CA THR A 852 -6.41 -31.11 -5.51
C THR A 852 -4.98 -30.58 -5.52
N ILE A 853 -4.86 -29.28 -5.82
CA ILE A 853 -3.58 -28.58 -5.77
C ILE A 853 -3.81 -27.23 -5.10
N CYS A 854 -2.88 -26.83 -4.24
CA CYS A 854 -3.01 -25.60 -3.47
C CYS A 854 -1.71 -24.80 -3.56
N TYR A 855 -1.85 -23.48 -3.47
CA TYR A 855 -0.71 -22.56 -3.44
C TYR A 855 -0.48 -22.17 -1.98
N THR A 856 0.29 -22.99 -1.28
CA THR A 856 0.50 -22.81 0.15
C THR A 856 1.34 -21.56 0.42
N LYS A 857 1.18 -21.05 1.64
CA LYS A 857 1.96 -19.88 2.04
C LYS A 857 3.45 -20.18 2.05
N GLY A 858 3.82 -21.39 2.46
CA GLY A 858 5.23 -21.76 2.48
C GLY A 858 5.87 -21.71 1.10
N GLN A 859 5.10 -22.02 0.05
CA GLN A 859 5.66 -21.99 -1.30
C GLN A 859 6.18 -20.61 -1.64
N ARG A 860 5.40 -19.57 -1.34
CA ARG A 860 5.86 -18.21 -1.61
C ARG A 860 7.06 -17.84 -0.75
N ASP A 861 7.08 -18.30 0.51
CA ASP A 861 8.18 -17.97 1.40
C ASP A 861 9.50 -18.49 0.85
N MET A 862 9.52 -19.74 0.39
CA MET A 862 10.74 -20.30 -0.19
C MET A 862 11.13 -19.57 -1.46
N ASP A 863 10.15 -19.24 -2.31
CA ASP A 863 10.45 -18.55 -3.56
C ASP A 863 10.99 -17.14 -3.31
N THR A 864 10.53 -16.49 -2.25
CA THR A 864 10.94 -15.13 -1.95
C THR A 864 12.19 -15.06 -1.06
N HIS A 865 12.78 -16.21 -0.72
CA HIS A 865 13.99 -16.26 0.10
C HIS A 865 13.74 -15.59 1.46
N LYS A 866 12.73 -16.11 2.16
CA LYS A 866 12.35 -15.54 3.45
C LYS A 866 13.48 -15.67 4.47
N THR A 867 14.07 -16.87 4.56
CA THR A 867 15.09 -17.10 5.57
C THR A 867 16.31 -16.22 5.36
N ILE A 868 16.74 -16.07 4.10
CA ILE A 868 17.94 -15.30 3.82
C ILE A 868 17.75 -13.83 4.19
N ARG A 869 16.58 -13.27 3.86
CA ARG A 869 16.33 -11.87 4.13
C ARG A 869 16.42 -11.58 5.62
N LEU A 870 15.75 -12.39 6.44
CA LEU A 870 15.84 -12.20 7.88
C LEU A 870 17.23 -12.49 8.41
N ARG A 871 17.88 -13.53 7.88
CA ARG A 871 19.23 -13.88 8.34
C ARG A 871 20.21 -12.75 8.08
N THR A 872 20.16 -12.16 6.88
CA THR A 872 21.08 -11.08 6.55
C THR A 872 20.82 -9.85 7.40
N SER A 873 19.55 -9.51 7.62
CA SER A 873 19.23 -8.29 8.36
C SER A 873 19.74 -8.38 9.80
N LEU A 874 19.54 -9.52 10.46
CA LEU A 874 19.98 -9.65 11.84
C LEU A 874 21.48 -9.54 11.97
N LYS A 875 22.23 -10.21 11.08
CA LYS A 875 23.68 -10.22 11.19
C LYS A 875 24.27 -8.82 10.97
N ARG A 876 23.78 -8.11 9.96
CA ARG A 876 24.32 -6.78 9.69
C ARG A 876 24.05 -5.82 10.84
N ARG A 877 22.84 -5.85 11.39
CA ARG A 877 22.51 -4.95 12.51
C ARG A 877 23.22 -5.35 13.79
N ARG A 878 23.40 -6.65 14.02
CA ARG A 878 24.06 -7.10 15.25
C ARG A 878 25.52 -6.67 15.31
N GLY A 879 26.14 -6.35 14.16
CA GLY A 879 27.53 -5.96 14.18
C GLY A 879 27.78 -4.69 14.97
N CYS A 880 26.88 -3.72 14.87
CA CYS A 880 27.02 -2.44 15.56
C CYS A 880 26.44 -2.47 16.97
N GLY A 881 25.83 -3.58 17.39
CA GLY A 881 25.26 -3.68 18.71
C GLY A 881 23.93 -3.00 18.89
N LEU A 882 23.29 -2.57 17.80
CA LEU A 882 22.01 -1.87 17.88
C LEU A 882 20.83 -2.83 18.06
N GLU A 883 21.06 -4.14 17.98
CA GLU A 883 19.96 -5.09 18.09
C GLU A 883 19.30 -5.01 19.46
N GLU A 884 20.10 -4.90 20.53
CA GLU A 884 19.53 -4.87 21.87
C GLU A 884 18.63 -3.67 22.07
N TYR A 885 19.07 -2.48 21.62
CA TYR A 885 18.26 -1.28 21.79
C TYR A 885 16.95 -1.39 21.02
N GLU A 886 17.00 -1.90 19.79
CA GLU A 886 15.79 -1.98 18.98
C GLU A 886 14.77 -2.94 19.59
N THR A 887 15.24 -4.06 20.13
CA THR A 887 14.34 -5.09 20.65
C THR A 887 14.09 -4.93 22.14
N GLN A 888 15.14 -4.94 22.95
CA GLN A 888 14.96 -4.93 24.40
C GLN A 888 14.32 -3.63 24.88
N VAL A 889 14.74 -2.49 24.32
CA VAL A 889 14.33 -1.20 24.84
C VAL A 889 13.07 -0.71 24.14
N MET A 890 13.13 -0.52 22.82
CA MET A 890 12.01 0.10 22.11
C MET A 890 10.74 -0.74 22.21
N ASN A 891 10.87 -2.04 22.41
CA ASN A 891 9.68 -2.89 22.53
C ASN A 891 8.87 -2.54 23.77
N ARG A 892 9.48 -1.93 24.78
CA ARG A 892 8.77 -1.54 25.99
C ARG A 892 7.84 -0.34 25.76
N PHE A 893 7.93 0.31 24.60
CA PHE A 893 7.21 1.55 24.32
C PHE A 893 6.52 1.46 22.97
N GLN A 894 5.77 0.37 22.78
CA GLN A 894 5.11 0.08 21.49
C GLN A 894 4.57 1.34 20.83
N LYS A 895 4.93 1.53 19.56
CA LYS A 895 4.60 2.76 18.85
C LYS A 895 3.10 2.92 18.63
N ARG A 896 2.34 1.83 18.57
CA ARG A 896 0.92 1.91 18.30
C ARG A 896 0.13 2.55 19.43
N SER A 897 0.73 2.74 20.60
CA SER A 897 0.04 3.39 21.70
C SER A 897 -0.38 4.80 21.31
N CYS A 898 -1.60 5.19 21.68
CA CYS A 898 -2.15 6.48 21.32
C CYS A 898 -2.10 7.49 22.47
N HIS A 899 -1.67 7.07 23.66
CA HIS A 899 -1.64 8.02 24.76
C HIS A 899 -0.44 8.96 24.61
N PRO A 900 -0.60 10.25 24.91
CA PRO A 900 0.54 11.17 24.77
C PRO A 900 1.76 10.76 25.58
N GLU A 901 1.55 10.25 26.80
CA GLU A 901 2.69 9.89 27.64
C GLU A 901 3.47 8.72 27.05
N MET A 902 2.76 7.64 26.68
CA MET A 902 3.44 6.48 26.12
C MET A 902 4.13 6.84 24.81
N PHE A 903 3.46 7.60 23.95
CA PHE A 903 4.07 7.98 22.67
C PHE A 903 5.27 8.89 22.87
N ARG A 904 5.19 9.80 23.85
CA ARG A 904 6.30 10.73 24.07
C ARG A 904 7.56 9.98 24.45
N ARG A 905 7.45 8.95 25.31
CA ARG A 905 8.62 8.18 25.70
C ARG A 905 9.25 7.50 24.48
N TYR A 906 8.43 6.93 23.60
CA TYR A 906 8.96 6.31 22.39
C TYR A 906 9.59 7.34 21.47
N ALA A 907 8.96 8.51 21.33
CA ALA A 907 9.45 9.51 20.39
C ALA A 907 10.84 10.01 20.77
N CYS A 908 11.01 10.41 22.04
CA CYS A 908 12.29 10.97 22.45
C CYS A 908 13.38 9.90 22.44
N SER A 909 13.03 8.66 22.79
CA SER A 909 14.03 7.59 22.81
C SER A 909 14.63 7.37 21.43
N ARG A 910 13.79 7.35 20.39
CA ARG A 910 14.30 7.15 19.04
C ARG A 910 15.20 8.31 18.61
N LYS A 911 14.84 9.54 18.98
CA LYS A 911 15.61 10.71 18.56
C LYS A 911 17.05 10.62 19.05
N ARG A 912 17.27 10.04 20.24
CA ARG A 912 18.62 9.92 20.76
C ARG A 912 19.49 9.03 19.88
N MET A 913 18.93 7.95 19.34
CA MET A 913 19.66 7.00 18.52
C MET A 913 19.36 7.16 17.03
N GLU A 914 18.75 8.29 16.64
CA GLU A 914 18.37 8.47 15.24
C GLU A 914 19.60 8.43 14.33
N HIS A 915 20.68 9.11 14.72
CA HIS A 915 21.85 9.18 13.87
C HIS A 915 22.44 7.79 13.61
N MET A 916 22.55 6.98 14.67
CA MET A 916 23.10 5.63 14.50
C MET A 916 22.20 4.76 13.66
N LEU A 917 20.88 4.82 13.90
CA LEU A 917 19.95 3.95 13.18
C LEU A 917 19.95 4.24 11.70
N LEU A 918 19.94 5.52 11.31
CA LEU A 918 19.88 5.87 9.90
C LEU A 918 21.10 5.35 9.14
N GLU A 919 22.29 5.50 9.74
CA GLU A 919 23.50 5.02 9.08
C GLU A 919 23.48 3.52 8.89
N CYS A 920 23.04 2.78 9.90
CA CYS A 920 23.00 1.32 9.79
C CYS A 920 22.01 0.88 8.72
N TYR A 921 20.84 1.51 8.65
CA TYR A 921 19.82 1.15 7.68
C TYR A 921 20.05 1.78 6.31
N SER A 922 21.05 2.63 6.16
CA SER A 922 21.33 3.24 4.86
C SER A 922 22.07 2.31 3.91
N HIS A 923 22.48 1.14 4.37
CA HIS A 923 23.20 0.22 3.50
C HIS A 923 22.30 -0.22 2.35
N PRO A 924 22.81 -0.31 1.12
CA PRO A 924 21.94 -0.69 0.00
C PRO A 924 21.39 -2.10 0.09
N VAL A 925 21.95 -2.95 0.95
CA VAL A 925 21.51 -4.34 1.01
C VAL A 925 20.02 -4.42 1.31
N PHE A 926 19.54 -3.56 2.21
CA PHE A 926 18.12 -3.58 2.54
C PHE A 926 17.27 -3.23 1.33
N ARG A 927 17.68 -2.23 0.56
CA ARG A 927 16.92 -1.85 -0.63
C ARG A 927 17.02 -2.90 -1.73
N GLU A 928 18.15 -3.62 -1.81
CA GLU A 928 18.26 -4.68 -2.79
C GLU A 928 17.23 -5.78 -2.56
N PHE A 929 17.03 -6.17 -1.30
CA PHE A 929 15.99 -7.13 -0.99
C PHE A 929 14.61 -6.58 -1.29
N LYS A 930 14.43 -5.26 -1.17
CA LYS A 930 13.15 -4.66 -1.48
C LYS A 930 12.81 -4.85 -2.96
N PHE A 931 13.80 -4.77 -3.83
CA PHE A 931 13.57 -5.03 -5.24
C PHE A 931 13.46 -6.52 -5.54
N LEU A 932 14.13 -7.36 -4.76
CA LEU A 932 14.13 -8.80 -5.03
C LEU A 932 12.74 -9.38 -4.90
N VAL A 933 11.99 -8.96 -3.88
CA VAL A 933 10.66 -9.54 -3.66
C VAL A 933 9.77 -9.27 -4.87
N TYR A 934 9.82 -8.05 -5.40
CA TYR A 934 9.01 -7.73 -6.58
C TYR A 934 9.40 -8.61 -7.76
N ASN A 935 10.70 -8.81 -7.98
CA ASN A 935 11.14 -9.65 -9.09
C ASN A 935 10.71 -11.10 -8.89
N LYS A 936 10.85 -11.61 -7.66
CA LYS A 936 10.49 -12.99 -7.38
C LYS A 936 8.99 -13.21 -7.23
N THR A 937 8.22 -12.14 -7.00
CA THR A 937 6.78 -12.31 -6.87
C THR A 937 6.17 -12.84 -8.16
N LYS A 938 6.61 -12.32 -9.32
CA LYS A 938 6.09 -12.81 -10.58
C LYS A 938 6.44 -14.28 -10.79
N SER A 939 7.68 -14.67 -10.47
CA SER A 939 8.09 -16.04 -10.70
C SER A 939 7.24 -17.03 -9.89
N SER A 940 6.98 -16.71 -8.62
CA SER A 940 6.19 -17.62 -7.80
C SER A 940 4.78 -17.76 -8.34
N GLU A 941 4.16 -16.66 -8.76
CA GLU A 941 2.80 -16.74 -9.29
C GLU A 941 2.77 -17.38 -10.67
N HIS A 942 3.70 -16.99 -11.55
CA HIS A 942 3.70 -17.52 -12.91
C HIS A 942 3.94 -19.03 -12.93
N ARG A 943 4.89 -19.50 -12.11
CA ARG A 943 5.18 -20.94 -12.10
C ARG A 943 3.97 -21.75 -11.64
N PHE A 944 3.26 -21.26 -10.63
CA PHE A 944 2.07 -21.99 -10.15
C PHE A 944 1.02 -22.08 -11.25
N MET A 945 0.80 -20.97 -11.97
CA MET A 945 -0.18 -20.99 -13.07
C MET A 945 0.23 -22.00 -14.14
N HIS A 946 1.53 -22.07 -14.45
CA HIS A 946 2.00 -23.05 -15.42
C HIS A 946 1.74 -24.47 -14.92
N ARG A 947 1.97 -24.72 -13.62
CA ARG A 947 1.69 -26.03 -13.06
C ARG A 947 0.22 -26.40 -13.19
N VAL A 948 -0.67 -25.40 -13.13
CA VAL A 948 -2.10 -25.67 -13.23
C VAL A 948 -2.43 -26.30 -14.57
N LEU A 949 -1.86 -25.78 -15.66
CA LEU A 949 -2.15 -26.31 -16.98
C LEU A 949 -1.73 -27.78 -17.08
N GLU A 950 -0.48 -28.08 -16.70
CA GLU A 950 0.00 -29.45 -16.81
C GLU A 950 -0.75 -30.39 -15.87
N THR A 951 -1.24 -29.88 -14.74
CA THR A 951 -1.93 -30.73 -13.79
C THR A 951 -3.20 -31.32 -14.39
N PHE A 952 -3.95 -30.51 -15.14
CA PHE A 952 -5.23 -30.93 -15.71
C PHE A 952 -5.21 -30.97 -17.23
N LYS A 953 -4.03 -30.88 -17.85
CA LYS A 953 -3.96 -30.95 -19.30
C LYS A 953 -4.45 -32.30 -19.83
N ARG A 954 -4.04 -33.39 -19.16
CA ARG A 954 -4.39 -34.72 -19.62
C ARG A 954 -5.60 -35.26 -18.85
N PRO A 955 -6.36 -36.18 -19.45
CA PRO A 955 -7.47 -36.79 -18.70
C PRO A 955 -6.99 -37.49 -17.44
N GLN A 956 -7.81 -37.42 -16.40
CA GLN A 956 -7.46 -38.07 -15.14
C GLN A 956 -7.26 -39.57 -15.34
N THR A 957 -6.23 -40.10 -14.69
CA THR A 957 -5.85 -41.50 -14.82
C THR A 957 -6.60 -42.42 -13.85
N ASN A 958 -7.45 -41.86 -12.99
CA ASN A 958 -8.19 -42.64 -12.02
C ASN A 958 -9.66 -42.26 -12.07
N LEU A 959 -10.53 -43.23 -11.75
CA LEU A 959 -11.97 -43.03 -11.79
C LEU A 959 -12.70 -43.57 -10.57
N SER A 960 -11.98 -44.12 -9.59
CA SER A 960 -12.62 -44.69 -8.41
C SER A 960 -11.99 -44.23 -7.10
N LYS A 961 -10.83 -43.58 -7.12
CA LYS A 961 -10.22 -43.12 -5.88
C LYS A 961 -11.10 -42.11 -5.18
N ALA A 962 -11.68 -41.17 -5.94
CA ALA A 962 -12.62 -40.19 -5.39
C ALA A 962 -14.02 -40.78 -5.44
N ARG A 963 -14.37 -41.49 -4.36
CA ARG A 963 -15.66 -42.17 -4.31
C ARG A 963 -16.82 -41.17 -4.35
N CYS A 964 -16.66 -40.00 -3.73
CA CYS A 964 -17.71 -39.00 -3.75
C CYS A 964 -17.98 -38.46 -5.15
N ALA A 965 -17.06 -38.65 -6.09
CA ALA A 965 -17.26 -38.15 -7.43
C ALA A 965 -18.47 -38.82 -8.08
N SER A 966 -19.28 -38.01 -8.76
CA SER A 966 -20.48 -38.49 -9.43
C SER A 966 -20.22 -38.64 -10.93
N GLY A 967 -21.26 -39.01 -11.66
CA GLY A 967 -21.12 -39.18 -13.10
C GLY A 967 -20.76 -37.88 -13.81
N VAL A 968 -21.33 -36.77 -13.34
CA VAL A 968 -21.04 -35.47 -13.97
C VAL A 968 -19.57 -35.13 -13.82
N MET A 969 -18.99 -35.44 -12.66
CA MET A 969 -17.58 -35.11 -12.43
C MET A 969 -16.68 -35.83 -13.43
N ARG A 970 -16.96 -37.11 -13.68
CA ARG A 970 -16.13 -37.87 -14.62
C ARG A 970 -16.22 -37.31 -16.03
N MET A 971 -17.41 -36.87 -16.45
CA MET A 971 -17.58 -36.36 -17.80
C MET A 971 -16.70 -35.14 -18.04
N ASN A 972 -16.64 -34.22 -17.08
CA ASN A 972 -15.83 -33.02 -17.25
C ASN A 972 -14.33 -33.33 -17.16
N ALA A 973 -13.95 -34.31 -16.33
CA ALA A 973 -12.53 -34.62 -16.14
C ALA A 973 -11.91 -35.13 -17.44
N LEU A 974 -12.63 -35.98 -18.17
CA LEU A 974 -12.08 -36.60 -19.37
C LEU A 974 -11.85 -35.61 -20.49
N LYS A 975 -12.39 -34.40 -20.41
CA LYS A 975 -12.20 -33.42 -21.47
C LYS A 975 -10.72 -33.10 -21.65
N GLU A 976 -10.29 -32.98 -22.89
CA GLU A 976 -8.92 -32.65 -23.23
C GLU A 976 -8.82 -31.18 -23.62
N VAL A 977 -7.76 -30.53 -23.15
CA VAL A 977 -7.53 -29.12 -23.41
C VAL A 977 -6.11 -28.94 -23.95
N GLN A 978 -5.94 -27.90 -24.78
CA GLN A 978 -4.63 -27.62 -25.36
C GLN A 978 -4.32 -26.12 -25.37
N ARG A 979 -5.17 -25.28 -24.79
CA ARG A 979 -4.94 -23.84 -24.77
C ARG A 979 -5.27 -23.30 -23.40
N HIS A 980 -4.61 -22.18 -23.04
CA HIS A 980 -4.87 -21.56 -21.75
C HIS A 980 -6.27 -20.98 -21.69
N GLY A 981 -6.77 -20.43 -22.80
CA GLY A 981 -8.08 -19.79 -22.81
C GLY A 981 -9.25 -20.74 -22.86
N ASP A 982 -9.01 -22.04 -22.99
CA ASP A 982 -10.07 -23.03 -23.03
C ASP A 982 -10.41 -23.58 -21.64
N ILE A 983 -9.77 -23.08 -20.60
CA ILE A 983 -10.01 -23.53 -19.23
C ILE A 983 -10.69 -22.40 -18.46
N ILE A 984 -11.80 -22.72 -17.81
CA ILE A 984 -12.57 -21.77 -17.00
C ILE A 984 -12.40 -22.14 -15.54
N ILE A 985 -11.99 -21.16 -14.73
CA ILE A 985 -11.69 -21.39 -13.32
C ILE A 985 -12.69 -20.58 -12.49
N GLY A 986 -13.40 -21.27 -11.61
CA GLY A 986 -14.32 -20.59 -10.72
C GLY A 986 -13.60 -19.79 -9.66
N TRP A 987 -14.30 -18.80 -9.12
CA TRP A 987 -13.72 -17.92 -8.11
C TRP A 987 -14.82 -17.48 -7.16
N GLY A 988 -14.41 -17.08 -5.95
CA GLY A 988 -15.30 -16.63 -4.92
C GLY A 988 -15.11 -15.15 -4.60
N ASN A 989 -16.07 -14.60 -3.86
CA ASN A 989 -16.00 -13.20 -3.48
C ASN A 989 -14.78 -12.93 -2.61
N TRP A 990 -14.50 -13.82 -1.67
CA TRP A 990 -13.35 -13.66 -0.79
C TRP A 990 -12.10 -14.24 -1.44
N ILE A 1009 -4.57 -11.27 -6.03
CA ILE A 1009 -3.86 -12.20 -6.89
C ILE A 1009 -4.70 -12.52 -8.13
N ARG A 1010 -6.00 -12.27 -8.03
CA ARG A 1010 -6.89 -12.53 -9.16
C ARG A 1010 -6.60 -11.62 -10.35
N ARG A 1011 -5.89 -10.51 -10.14
CA ARG A 1011 -5.60 -9.61 -11.24
C ARG A 1011 -4.79 -10.30 -12.33
N ARG A 1012 -3.77 -11.07 -11.93
CA ARG A 1012 -2.90 -11.73 -12.90
C ARG A 1012 -3.46 -13.07 -13.38
N PHE A 1013 -4.28 -13.74 -12.56
CA PHE A 1013 -4.86 -15.00 -13.00
C PHE A 1013 -5.79 -14.81 -14.19
N GLU A 1014 -6.60 -13.74 -14.17
CA GLU A 1014 -7.55 -13.52 -15.25
C GLU A 1014 -6.85 -13.22 -16.58
N SER A 1015 -5.60 -12.80 -16.56
CA SER A 1015 -4.88 -12.48 -17.79
C SER A 1015 -4.58 -13.72 -18.62
N LEU A 1016 -4.71 -14.91 -18.06
CA LEU A 1016 -4.43 -16.15 -18.76
C LEU A 1016 -5.59 -17.12 -18.80
N PHE A 1017 -6.49 -17.08 -17.82
CA PHE A 1017 -7.62 -17.99 -17.76
C PHE A 1017 -8.91 -17.22 -17.50
N LYS A 1018 -9.99 -17.66 -18.14
CA LYS A 1018 -11.29 -17.06 -17.91
C LYS A 1018 -11.81 -17.45 -16.52
N THR A 1019 -12.51 -16.52 -15.88
CA THR A 1019 -12.95 -16.69 -14.51
C THR A 1019 -14.42 -16.34 -14.37
N THR A 1020 -15.05 -16.90 -13.34
CA THR A 1020 -16.45 -16.64 -13.03
C THR A 1020 -16.62 -16.65 -11.52
N THR A 1021 -17.70 -16.01 -11.07
CA THR A 1021 -17.99 -15.86 -9.65
C THR A 1021 -19.11 -16.82 -9.25
N VAL A 1022 -18.96 -17.44 -8.08
CA VAL A 1022 -19.95 -18.36 -7.55
C VAL A 1022 -20.29 -17.95 -6.12
N PRO A 1023 -21.54 -18.08 -5.67
CA PRO A 1023 -21.87 -17.73 -4.28
C PRO A 1023 -21.07 -18.57 -3.29
N GLU A 1024 -20.72 -17.94 -2.18
CA GLU A 1024 -19.99 -18.60 -1.09
C GLU A 1024 -20.89 -18.96 0.08
N HIS A 1025 -22.21 -18.86 -0.09
CA HIS A 1025 -23.14 -19.09 1.02
C HIS A 1025 -23.24 -20.58 1.31
N TYR A 1026 -22.91 -20.96 2.54
CA TYR A 1026 -23.05 -22.34 3.01
C TYR A 1026 -22.32 -23.32 2.09
N THR A 1027 -21.13 -22.91 1.64
CA THR A 1027 -20.30 -23.76 0.79
C THR A 1027 -19.38 -24.66 1.58
N SER A 1028 -19.28 -24.47 2.90
CA SER A 1028 -18.40 -25.26 3.75
C SER A 1028 -19.15 -26.29 4.59
N GLN A 1029 -20.46 -26.46 4.38
CA GLN A 1029 -21.24 -27.38 5.19
C GLN A 1029 -22.04 -28.35 4.31
N GLU A 1030 -22.43 -27.91 3.12
CA GLU A 1030 -23.19 -28.77 2.22
C GLU A 1030 -22.31 -29.90 1.70
N CYS A 1031 -22.94 -31.03 1.39
CA CYS A 1031 -22.24 -32.18 0.86
C CYS A 1031 -22.93 -32.68 -0.41
N PRO A 1032 -22.16 -33.13 -1.40
CA PRO A 1032 -22.79 -33.51 -2.68
C PRO A 1032 -23.83 -34.61 -2.57
N SER A 1033 -23.63 -35.59 -1.71
CA SER A 1033 -24.43 -36.81 -1.70
C SER A 1033 -25.01 -37.08 -0.31
N CYS A 1034 -25.56 -36.04 0.31
CA CYS A 1034 -26.15 -36.18 1.64
C CYS A 1034 -27.49 -35.45 1.68
N LYS A 1035 -28.36 -35.93 2.57
CA LYS A 1035 -29.67 -35.32 2.75
C LYS A 1035 -29.59 -33.93 3.37
N GLY A 1036 -28.42 -33.55 3.89
CA GLY A 1036 -28.27 -32.24 4.50
C GLY A 1036 -26.83 -32.00 4.88
N ARG A 1037 -26.59 -30.82 5.43
CA ARG A 1037 -25.24 -30.45 5.85
C ARG A 1037 -24.72 -31.41 6.91
N CYS A 1038 -23.47 -31.85 6.75
CA CYS A 1038 -22.91 -32.87 7.63
C CYS A 1038 -21.46 -32.59 8.01
N LEU A 1039 -20.91 -31.43 7.68
CA LEU A 1039 -19.50 -31.14 7.89
C LEU A 1039 -19.32 -30.32 9.16
N ARG A 1040 -18.46 -30.81 10.06
CA ARG A 1040 -18.10 -30.10 11.27
C ARG A 1040 -16.70 -30.52 11.68
N LYS A 1041 -16.14 -29.81 12.65
CA LYS A 1041 -14.81 -30.14 13.13
C LYS A 1041 -14.78 -31.53 13.73
N ALA A 1042 -13.67 -32.24 13.53
CA ALA A 1042 -13.57 -33.61 13.99
C ALA A 1042 -13.73 -33.69 15.51
N THR A 1043 -14.44 -34.73 15.96
CA THR A 1043 -14.68 -34.95 17.37
C THR A 1043 -14.60 -36.44 17.66
N GLY A 1044 -14.45 -36.77 18.95
CA GLY A 1044 -14.36 -38.15 19.38
C GLY A 1044 -12.96 -38.63 19.68
N ASN A 1045 -11.96 -37.76 19.63
CA ASN A 1045 -10.59 -38.12 19.93
C ASN A 1045 -10.00 -37.15 20.95
N PRO A 1046 -9.00 -37.58 21.72
CA PRO A 1046 -8.43 -36.68 22.73
C PRO A 1046 -7.88 -35.39 22.16
N ILE A 1047 -7.33 -35.42 20.95
CA ILE A 1047 -6.65 -34.27 20.36
C ILE A 1047 -7.59 -33.60 19.37
N MET A 1048 -7.82 -32.30 19.56
CA MET A 1048 -8.58 -31.48 18.63
C MET A 1048 -7.56 -30.78 17.74
N ARG A 1049 -7.28 -31.39 16.58
CA ARG A 1049 -6.19 -30.92 15.73
C ARG A 1049 -6.62 -29.66 14.97
N HIS A 1050 -5.64 -29.09 14.24
CA HIS A 1050 -5.83 -27.76 13.67
C HIS A 1050 -6.94 -27.74 12.63
N HIS A 1051 -6.89 -28.66 11.66
CA HIS A 1051 -7.80 -28.62 10.52
C HIS A 1051 -8.40 -29.98 10.20
N LEU A 1052 -8.38 -30.92 11.15
CA LEU A 1052 -8.99 -32.22 10.91
C LEU A 1052 -10.51 -32.09 10.94
N LEU A 1053 -11.16 -32.64 9.91
CA LEU A 1053 -12.62 -32.58 9.79
C LEU A 1053 -13.16 -34.00 9.64
N ARG A 1054 -14.20 -34.31 10.40
CA ARG A 1054 -14.85 -35.62 10.37
C ARG A 1054 -16.35 -35.43 10.22
N CYS A 1055 -16.97 -36.29 9.42
CA CYS A 1055 -18.41 -36.21 9.20
C CYS A 1055 -19.16 -36.54 10.47
N THR A 1056 -20.32 -35.90 10.63
CA THR A 1056 -21.15 -36.06 11.82
C THR A 1056 -22.20 -37.16 11.67
N ASN A 1057 -22.24 -37.85 10.54
CA ASN A 1057 -23.21 -38.91 10.30
C ASN A 1057 -22.58 -39.98 9.42
N ASP A 1058 -23.11 -41.20 9.54
CA ASP A 1058 -22.59 -42.33 8.78
C ASP A 1058 -23.05 -42.32 7.33
N SER A 1059 -24.12 -41.57 7.01
CA SER A 1059 -24.64 -41.52 5.64
C SER A 1059 -23.91 -40.45 4.83
N CYS A 1060 -22.61 -40.70 4.61
CA CYS A 1060 -21.76 -39.78 3.86
C CYS A 1060 -20.83 -40.59 2.97
N CYS A 1061 -20.53 -40.04 1.80
CA CYS A 1061 -19.67 -40.75 0.85
C CYS A 1061 -18.26 -40.93 1.41
N SER A 1062 -17.72 -39.89 2.05
CA SER A 1062 -16.41 -39.95 2.69
C SER A 1062 -16.51 -39.44 4.11
N ARG A 1063 -15.81 -40.11 5.03
CA ARG A 1063 -15.83 -39.74 6.44
C ARG A 1063 -14.74 -38.73 6.77
N TRP A 1064 -13.61 -38.79 6.09
CA TRP A 1064 -12.49 -37.89 6.33
C TRP A 1064 -12.52 -36.73 5.34
N TRP A 1065 -12.30 -35.52 5.84
CA TRP A 1065 -12.33 -34.32 5.02
C TRP A 1065 -11.32 -33.32 5.55
N ASN A 1066 -10.97 -32.36 4.69
CA ASN A 1066 -10.08 -31.27 5.05
C ASN A 1066 -10.69 -29.96 4.57
N ARG A 1067 -10.10 -28.84 5.00
CA ARG A 1067 -10.66 -27.54 4.69
C ARG A 1067 -10.70 -27.29 3.18
N ASN A 1068 -9.60 -27.59 2.50
CA ASN A 1068 -9.51 -27.26 1.07
C ASN A 1068 -10.49 -28.08 0.25
N VAL A 1069 -10.48 -29.40 0.43
CA VAL A 1069 -11.34 -30.26 -0.38
C VAL A 1069 -12.80 -30.08 -0.02
N ALA A 1070 -13.10 -29.92 1.27
CA ALA A 1070 -14.48 -29.80 1.70
C ALA A 1070 -15.16 -28.59 1.07
N GLY A 1071 -14.47 -27.46 1.05
CA GLY A 1071 -15.05 -26.23 0.51
C GLY A 1071 -14.90 -26.12 -0.99
N ALA A 1072 -13.74 -26.51 -1.52
CA ALA A 1072 -13.51 -26.41 -2.95
C ALA A 1072 -14.47 -27.29 -3.75
N PHE A 1073 -14.72 -28.50 -3.26
CA PHE A 1073 -15.59 -29.43 -3.99
C PHE A 1073 -16.99 -28.87 -4.15
N ASN A 1074 -17.54 -28.28 -3.08
CA ASN A 1074 -18.89 -27.72 -3.16
C ASN A 1074 -18.97 -26.59 -4.16
N ILE A 1075 -17.95 -25.73 -4.20
CA ILE A 1075 -17.97 -24.61 -5.13
C ILE A 1075 -18.02 -25.11 -6.57
N LEU A 1076 -17.22 -26.12 -6.90
CA LEU A 1076 -17.23 -26.67 -8.24
C LEU A 1076 -18.58 -27.30 -8.56
N THR A 1077 -19.20 -27.95 -7.57
CA THR A 1077 -20.50 -28.58 -7.80
C THR A 1077 -21.55 -27.55 -8.20
N ARG A 1078 -21.57 -26.40 -7.52
CA ARG A 1078 -22.54 -25.37 -7.85
C ARG A 1078 -22.36 -24.87 -9.28
N LEU A 1079 -21.11 -24.73 -9.73
CA LEU A 1079 -20.87 -24.28 -11.09
C LEU A 1079 -21.46 -25.25 -12.11
N LEU A 1080 -21.31 -26.55 -11.86
CA LEU A 1080 -21.87 -27.56 -12.75
C LEU A 1080 -23.39 -27.55 -12.69
#